data_3W53
#
_entry.id   3W53
#
_cell.length_a   57.280
_cell.length_b   84.670
_cell.length_c   184.770
_cell.angle_alpha   90.00
_cell.angle_beta   90.00
_cell.angle_gamma   90.00
#
_symmetry.space_group_name_H-M   'C 2 2 21'
#
loop_
_entity.id
_entity.type
_entity.pdbx_description
1 polymer Beta-glucosidase
2 non-polymer 2-AMINO-2-HYDROXYMETHYL-PROPANE-1,3-DIOL
3 water water
#
_entity_poly.entity_id   1
_entity_poly.type   'polypeptide(L)'
_entity_poly.pdbx_seq_one_letter_code
;MGSSHHHHHHSSGLVPRGSHMASMTGGQQMGRGSMMNHLSQKFAWPKEFLWGSATAAAQIEGAGHSYGKEDSVWDAFARK
EGAIAGGENLEVAVDHYHRYREDVQLMRELGLDSYRFSTSWARVVPGGRTVNPEGLDFYSRLVDELLENGILPWLTLYHW
DLPQALEERGGWTNRETSYKFLEYAETVHEKLGDRVKHWTTFNEPLCSSLIGYAAGEHAPGRQEPQAALAAVHHQHLAHG
LATARLRELGAEHIGITLNLTNAVPNNPGDPVDLEAARRVDALWNRMYLDPVLRGSYPEDLLEDVQGLGLAEVIEAGDLE
IISQPIDFLGVNHYHDDNVSGHPLPAGQPQPVVPTDSPKSSPFVGSEYVTFPARDLPRTAMGWEVNPEGLRVLLNRLNQD
YANLPSLYITENGASYTDTVTEAGTVEDPEREEYILNHLDAVVRAIADGVDVRGYFVWSLLDNFEWAWGYAKRFGIIHVD
YQTQVRTIKNSGKAYAGLIAANRTMA
;
_entity_poly.pdbx_strand_id   A
#
loop_
_chem_comp.id
_chem_comp.type
_chem_comp.name
_chem_comp.formula
TRS non-polymer 2-AMINO-2-HYDROXYMETHYL-PROPANE-1,3-DIOL 'C4 H12 N O3 1'
#
# COMPACT_ATOMS: atom_id res chain seq x y z
N MET A 36 26.68 -2.87 -18.10
CA MET A 36 25.93 -1.75 -18.66
C MET A 36 24.84 -1.24 -17.71
N ASN A 37 24.56 0.06 -17.79
CA ASN A 37 23.59 0.66 -16.91
C ASN A 37 22.19 0.75 -17.54
N HIS A 38 21.19 0.86 -16.69
CA HIS A 38 19.80 1.00 -17.11
C HIS A 38 19.51 2.42 -17.56
N LEU A 39 18.41 2.62 -18.28
CA LEU A 39 17.94 3.96 -18.62
C LEU A 39 17.79 4.85 -17.39
N SER A 40 17.24 4.29 -16.33
CA SER A 40 17.02 5.06 -15.11
C SER A 40 18.33 5.56 -14.51
N GLN A 41 19.40 4.82 -14.70
CA GLN A 41 20.70 5.19 -14.14
C GLN A 41 21.41 6.27 -14.95
N LYS A 42 20.94 6.53 -16.17
CA LYS A 42 21.58 7.49 -17.06
C LYS A 42 20.71 8.70 -17.39
N PHE A 43 19.42 8.56 -17.12
CA PHE A 43 18.43 9.60 -17.38
C PHE A 43 18.72 10.83 -16.52
N ALA A 44 18.47 12.00 -17.08
CA ALA A 44 18.52 13.23 -16.31
C ALA A 44 17.11 13.48 -15.74
N TRP A 45 16.84 12.93 -14.56
CA TRP A 45 15.52 13.05 -13.94
C TRP A 45 15.18 14.50 -13.63
N PRO A 46 13.88 14.84 -13.59
CA PRO A 46 13.53 16.20 -13.13
C PRO A 46 14.15 16.53 -11.77
N LYS A 47 14.63 17.76 -11.59
CA LYS A 47 15.34 18.13 -10.38
C LYS A 47 14.44 18.08 -9.15
N GLU A 48 13.16 18.42 -9.34
CA GLU A 48 12.19 18.39 -8.24
C GLU A 48 11.42 17.06 -8.15
N PHE A 49 11.87 16.05 -8.88
CA PHE A 49 11.35 14.69 -8.73
C PHE A 49 11.66 14.21 -7.31
N LEU A 50 10.68 13.59 -6.65
CA LEU A 50 10.82 13.24 -5.24
C LEU A 50 11.28 11.78 -5.06
N TRP A 51 12.46 11.57 -4.49
CA TRP A 51 13.00 10.23 -4.24
C TRP A 51 12.77 9.81 -2.80
N GLY A 52 12.02 8.72 -2.61
CA GLY A 52 11.69 8.31 -1.25
C GLY A 52 11.80 6.83 -1.01
N SER A 53 11.39 6.43 0.19
CA SER A 53 11.22 5.03 0.56
C SER A 53 10.02 4.97 1.50
N ALA A 54 9.39 3.80 1.60
CA ALA A 54 8.13 3.67 2.33
C ALA A 54 8.12 2.51 3.34
N THR A 55 7.35 2.68 4.43
CA THR A 55 7.09 1.63 5.40
C THR A 55 5.65 1.80 5.90
N ALA A 56 5.23 0.94 6.82
CA ALA A 56 3.95 1.08 7.51
C ALA A 56 4.16 0.81 9.00
N ALA A 57 3.38 1.46 9.85
CA ALA A 57 3.54 1.31 11.31
C ALA A 57 3.52 -0.14 11.74
N ALA A 58 2.43 -0.84 11.45
CA ALA A 58 2.25 -2.21 11.90
C ALA A 58 3.42 -3.09 11.47
N GLN A 59 3.99 -2.79 10.32
CA GLN A 59 5.03 -3.67 9.76
C GLN A 59 6.43 -3.51 10.35
N ILE A 60 6.74 -2.35 10.93
CA ILE A 60 8.09 -2.10 11.42
C ILE A 60 8.25 -1.68 12.89
N GLU A 61 7.21 -1.05 13.45
CA GLU A 61 7.35 -0.39 14.75
C GLU A 61 7.70 -1.34 15.91
N GLY A 62 7.03 -2.49 15.98
CA GLY A 62 7.13 -3.27 17.20
C GLY A 62 6.52 -2.45 18.35
N ALA A 63 6.98 -2.68 19.58
CA ALA A 63 6.35 -2.04 20.74
C ALA A 63 4.84 -2.27 20.63
N GLY A 64 4.47 -3.50 20.28
CA GLY A 64 3.10 -3.83 19.93
C GLY A 64 2.06 -3.62 21.03
N HIS A 65 2.51 -3.70 22.28
CA HIS A 65 1.61 -3.48 23.40
C HIS A 65 2.33 -2.73 24.49
N SER A 66 3.13 -1.75 24.07
CA SER A 66 3.85 -0.90 25.01
C SER A 66 3.45 0.54 24.75
N TYR A 67 3.70 1.40 25.73
CA TYR A 67 3.51 2.83 25.58
C TYR A 67 2.07 3.13 25.18
N GLY A 68 1.15 2.33 25.74
CA GLY A 68 -0.27 2.58 25.60
C GLY A 68 -0.92 1.90 24.41
N LYS A 69 -0.13 1.48 23.43
CA LYS A 69 -0.70 0.79 22.26
C LYS A 69 -1.47 -0.48 22.66
N GLU A 70 -2.60 -0.72 22.00
CA GLU A 70 -3.37 -1.95 22.21
C GLU A 70 -3.62 -2.64 20.87
N ASP A 71 -4.22 -3.83 20.90
CA ASP A 71 -4.44 -4.62 19.69
C ASP A 71 -4.93 -3.80 18.50
N SER A 72 -4.31 -4.01 17.34
CA SER A 72 -4.90 -3.66 16.06
C SER A 72 -5.61 -4.92 15.57
N VAL A 73 -6.41 -4.81 14.51
CA VAL A 73 -7.01 -5.99 13.90
C VAL A 73 -5.94 -7.02 13.55
N TRP A 74 -4.73 -6.56 13.25
CA TRP A 74 -3.64 -7.47 12.92
C TRP A 74 -3.07 -8.20 14.13
N ASP A 75 -2.95 -7.54 15.28
CA ASP A 75 -2.52 -8.25 16.49
C ASP A 75 -3.51 -9.38 16.85
N ALA A 76 -4.80 -9.11 16.75
CA ALA A 76 -5.83 -10.11 17.04
C ALA A 76 -5.81 -11.25 16.01
N PHE A 77 -5.74 -10.87 14.73
CA PHE A 77 -5.70 -11.84 13.63
C PHE A 77 -4.53 -12.82 13.82
N ALA A 78 -3.38 -12.30 14.27
CA ALA A 78 -2.16 -13.10 14.37
C ALA A 78 -2.20 -14.12 15.50
N ARG A 79 -3.28 -14.12 16.28
CA ARG A 79 -3.48 -15.17 17.28
C ARG A 79 -4.27 -16.33 16.69
N LYS A 80 -4.88 -16.11 15.52
CA LYS A 80 -5.66 -17.16 14.88
C LYS A 80 -4.71 -18.12 14.16
N GLU A 81 -4.95 -19.41 14.32
CA GLU A 81 -4.11 -20.43 13.70
C GLU A 81 -4.28 -20.37 12.18
N GLY A 82 -3.17 -20.44 11.45
CA GLY A 82 -3.24 -20.42 10.00
C GLY A 82 -3.22 -19.02 9.41
N ALA A 83 -3.36 -18.02 10.27
CA ALA A 83 -3.41 -16.63 9.80
C ALA A 83 -2.08 -16.17 9.23
N ILE A 84 -0.99 -16.36 9.98
CA ILE A 84 0.32 -15.86 9.58
C ILE A 84 1.35 -16.99 9.49
N ALA A 85 2.15 -16.98 8.41
CA ALA A 85 3.25 -17.95 8.24
C ALA A 85 4.12 -18.05 9.51
N GLY A 86 4.44 -19.27 9.91
CA GLY A 86 5.35 -19.50 11.01
C GLY A 86 4.83 -19.13 12.40
N GLY A 87 3.57 -18.70 12.47
CA GLY A 87 2.98 -18.30 13.75
C GLY A 87 3.57 -16.99 14.26
N GLU A 88 4.05 -16.16 13.35
CA GLU A 88 4.73 -14.93 13.73
C GLU A 88 3.71 -13.83 14.03
N ASN A 89 4.16 -12.78 14.73
CA ASN A 89 3.30 -11.68 15.11
C ASN A 89 3.98 -10.31 14.98
N LEU A 90 3.30 -9.26 15.46
CA LEU A 90 3.71 -7.89 15.19
C LEU A 90 4.25 -7.19 16.43
N GLU A 91 4.50 -7.95 17.49
CA GLU A 91 4.94 -7.39 18.76
C GLU A 91 6.26 -6.63 18.67
N VAL A 92 7.20 -7.17 17.90
CA VAL A 92 8.56 -6.63 17.84
C VAL A 92 8.97 -6.13 16.45
N ALA A 93 8.65 -6.89 15.40
CA ALA A 93 9.01 -6.52 14.04
C ALA A 93 10.49 -6.17 13.92
N VAL A 94 10.79 -5.00 13.35
CA VAL A 94 12.17 -4.53 13.32
C VAL A 94 12.39 -3.40 14.33
N ASP A 95 11.48 -3.32 15.29
CA ASP A 95 11.66 -2.45 16.46
C ASP A 95 12.00 -0.99 16.11
N HIS A 96 11.37 -0.48 15.05
CA HIS A 96 11.54 0.91 14.64
C HIS A 96 11.16 1.91 15.73
N TYR A 97 10.26 1.51 16.64
CA TYR A 97 9.81 2.38 17.71
C TYR A 97 11.00 2.85 18.54
N HIS A 98 11.98 1.97 18.74
CA HIS A 98 13.16 2.31 19.55
C HIS A 98 14.38 2.66 18.70
N ARG A 99 14.29 2.43 17.39
CA ARG A 99 15.45 2.65 16.51
C ARG A 99 15.26 3.72 15.44
N TYR A 100 14.17 4.47 15.54
CA TYR A 100 13.80 5.44 14.50
C TYR A 100 14.91 6.46 14.24
N ARG A 101 15.62 6.88 15.29
CA ARG A 101 16.66 7.89 15.11
C ARG A 101 17.72 7.35 14.18
N GLU A 102 18.07 6.09 14.38
CA GLU A 102 19.10 5.45 13.60
C GLU A 102 18.57 5.06 12.21
N ASP A 103 17.29 4.77 12.12
CA ASP A 103 16.72 4.47 10.81
C ASP A 103 16.68 5.76 9.98
N VAL A 104 16.42 6.89 10.64
CA VAL A 104 16.48 8.19 9.96
C VAL A 104 17.89 8.51 9.44
N GLN A 105 18.91 8.22 10.23
CA GLN A 105 20.29 8.37 9.76
C GLN A 105 20.58 7.51 8.52
N LEU A 106 19.98 6.33 8.45
CA LEU A 106 20.16 5.51 7.25
C LEU A 106 19.49 6.15 6.04
N MET A 107 18.32 6.75 6.25
CA MET A 107 17.63 7.46 5.16
C MET A 107 18.54 8.54 4.62
N ARG A 108 19.20 9.25 5.52
CA ARG A 108 20.08 10.34 5.11
C ARG A 108 21.31 9.84 4.37
N GLU A 109 21.89 8.73 4.84
CA GLU A 109 23.06 8.13 4.19
C GLU A 109 22.68 7.64 2.78
N LEU A 110 21.40 7.29 2.60
CA LEU A 110 20.90 6.93 1.27
C LEU A 110 20.62 8.17 0.40
N GLY A 111 20.47 9.33 1.04
CA GLY A 111 20.18 10.54 0.30
C GLY A 111 18.73 10.65 -0.17
N LEU A 112 17.81 9.99 0.53
CA LEU A 112 16.39 10.12 0.21
C LEU A 112 15.88 11.55 0.41
N ASP A 113 14.96 12.00 -0.45
CA ASP A 113 14.31 13.29 -0.30
C ASP A 113 13.18 13.22 0.70
N SER A 114 12.56 12.04 0.78
CA SER A 114 11.34 11.90 1.55
C SER A 114 11.13 10.51 2.14
N TYR A 115 10.31 10.45 3.17
CA TYR A 115 10.04 9.19 3.85
C TYR A 115 8.54 9.05 4.04
N ARG A 116 8.00 7.99 3.47
CA ARG A 116 6.58 7.68 3.55
C ARG A 116 6.36 6.63 4.64
N PHE A 117 5.55 6.98 5.63
CA PHE A 117 5.30 6.13 6.78
C PHE A 117 3.85 6.28 7.18
N SER A 118 3.35 5.39 8.02
CA SER A 118 1.99 5.58 8.51
C SER A 118 1.95 5.75 10.04
N THR A 119 0.89 6.38 10.53
CA THR A 119 0.64 6.41 11.97
C THR A 119 -0.37 5.31 12.27
N SER A 120 -0.20 4.64 13.41
CA SER A 120 -1.08 3.55 13.77
C SER A 120 -2.27 3.97 14.65
N TRP A 121 -3.47 3.84 14.09
CA TRP A 121 -4.71 4.14 14.82
C TRP A 121 -4.75 3.33 16.13
N ALA A 122 -4.28 2.08 16.05
CA ALA A 122 -4.22 1.21 17.23
C ALA A 122 -3.27 1.76 18.30
N ARG A 123 -2.31 2.58 17.90
CA ARG A 123 -1.37 3.18 18.86
C ARG A 123 -1.83 4.57 19.32
N VAL A 124 -2.43 5.33 18.39
CA VAL A 124 -2.86 6.69 18.69
C VAL A 124 -4.17 6.76 19.50
N VAL A 125 -5.12 5.89 19.19
CA VAL A 125 -6.37 5.83 19.96
C VAL A 125 -6.62 4.40 20.40
N PRO A 126 -5.84 3.92 21.39
CA PRO A 126 -5.83 2.50 21.72
C PRO A 126 -7.22 2.04 22.12
N GLY A 127 -7.72 0.99 21.47
CA GLY A 127 -9.05 0.47 21.75
C GLY A 127 -10.16 1.40 21.32
N GLY A 128 -9.80 2.43 20.54
CA GLY A 128 -10.78 3.39 20.08
C GLY A 128 -11.32 4.24 21.22
N ARG A 129 -10.64 4.19 22.37
CA ARG A 129 -11.09 4.90 23.57
C ARG A 129 -10.51 6.30 23.66
N THR A 130 -9.50 6.45 24.52
CA THR A 130 -8.87 7.74 24.77
C THR A 130 -7.61 7.92 23.90
N VAL A 131 -7.41 9.12 23.38
CA VAL A 131 -6.15 9.44 22.71
C VAL A 131 -4.93 9.13 23.61
N ASN A 132 -3.88 8.61 23.00
CA ASN A 132 -2.68 8.23 23.71
C ASN A 132 -1.55 9.23 23.41
N PRO A 133 -1.24 10.12 24.38
CA PRO A 133 -0.18 11.11 24.16
C PRO A 133 1.22 10.53 23.96
N GLU A 134 1.48 9.32 24.46
CA GLU A 134 2.77 8.69 24.21
C GLU A 134 2.90 8.32 22.73
N GLY A 135 1.79 7.91 22.14
CA GLY A 135 1.76 7.54 20.73
C GLY A 135 1.96 8.77 19.85
N LEU A 136 1.24 9.83 20.13
CA LEU A 136 1.41 11.07 19.36
C LEU A 136 2.82 11.61 19.52
N ASP A 137 3.38 11.45 20.72
CA ASP A 137 4.71 11.98 20.99
C ASP A 137 5.79 11.25 20.17
N PHE A 138 5.65 9.94 20.04
CA PHE A 138 6.57 9.18 19.20
C PHE A 138 6.55 9.75 17.79
N TYR A 139 5.36 9.90 17.21
CA TYR A 139 5.25 10.44 15.86
C TYR A 139 5.81 11.85 15.75
N SER A 140 5.63 12.64 16.81
CA SER A 140 6.20 13.98 16.85
C SER A 140 7.73 13.95 16.89
N ARG A 141 8.29 13.04 17.68
CA ARG A 141 9.74 12.87 17.72
C ARG A 141 10.28 12.37 16.39
N LEU A 142 9.53 11.50 15.72
CA LEU A 142 9.94 10.97 14.42
C LEU A 142 10.00 12.10 13.40
N VAL A 143 8.90 12.86 13.32
CA VAL A 143 8.78 13.97 12.39
C VAL A 143 9.91 15.00 12.58
N ASP A 144 10.24 15.29 13.84
CA ASP A 144 11.38 16.16 14.15
C ASP A 144 12.71 15.62 13.62
N GLU A 145 12.99 14.32 13.85
CA GLU A 145 14.20 13.69 13.32
C GLU A 145 14.28 13.84 11.80
N LEU A 146 13.16 13.53 11.15
CA LEU A 146 13.07 13.66 9.71
C LEU A 146 13.42 15.08 9.27
N LEU A 147 12.69 16.06 9.79
CA LEU A 147 12.89 17.45 9.35
C LEU A 147 14.33 17.91 9.62
N GLU A 148 14.81 17.61 10.82
CA GLU A 148 16.17 17.95 11.23
C GLU A 148 17.21 17.40 10.26
N ASN A 149 16.92 16.23 9.69
CA ASN A 149 17.84 15.65 8.72
C ASN A 149 17.48 15.94 7.26
N GLY A 150 16.63 16.93 7.04
CA GLY A 150 16.28 17.33 5.68
C GLY A 150 15.44 16.34 4.90
N ILE A 151 14.70 15.50 5.63
CA ILE A 151 13.85 14.50 5.00
C ILE A 151 12.37 14.87 5.14
N LEU A 152 11.67 14.88 4.00
CA LEU A 152 10.28 15.31 3.97
C LEU A 152 9.32 14.19 4.43
N PRO A 153 8.58 14.45 5.52
CA PRO A 153 7.61 13.45 5.98
C PRO A 153 6.39 13.36 5.06
N TRP A 154 6.07 12.14 4.64
CA TRP A 154 4.88 11.87 3.85
C TRP A 154 4.07 10.91 4.69
N LEU A 155 2.99 11.39 5.28
CA LEU A 155 2.25 10.62 6.27
C LEU A 155 1.01 9.91 5.69
N THR A 156 0.83 8.64 6.02
CA THR A 156 -0.40 7.91 5.73
C THR A 156 -1.18 7.66 7.02
N LEU A 157 -2.46 8.02 7.04
CA LEU A 157 -3.27 7.83 8.25
C LEU A 157 -3.74 6.40 8.47
N TYR A 158 -4.09 5.70 7.40
CA TYR A 158 -4.56 4.33 7.56
C TYR A 158 -3.81 3.34 6.69
N HIS A 159 -3.01 2.50 7.35
CA HIS A 159 -2.33 1.42 6.66
C HIS A 159 -2.63 0.10 7.41
N TRP A 160 -3.93 -0.13 7.63
CA TRP A 160 -4.53 -1.44 7.98
C TRP A 160 -4.64 -1.75 9.47
N ASP A 161 -4.23 -0.82 10.34
CA ASP A 161 -4.20 -1.12 11.77
C ASP A 161 -5.36 -0.48 12.54
N LEU A 162 -6.59 -0.76 12.11
CA LEU A 162 -7.78 -0.42 12.88
C LEU A 162 -7.64 -1.07 14.26
N PRO A 163 -8.02 -0.33 15.32
CA PRO A 163 -7.96 -1.02 16.63
C PRO A 163 -8.95 -2.19 16.64
N GLN A 164 -8.56 -3.33 17.21
CA GLN A 164 -9.43 -4.52 17.21
C GLN A 164 -10.80 -4.23 17.82
N ALA A 165 -10.80 -3.45 18.90
CA ALA A 165 -12.05 -3.10 19.58
C ALA A 165 -13.08 -2.49 18.62
N LEU A 166 -12.61 -1.75 17.62
CA LEU A 166 -13.55 -1.18 16.66
C LEU A 166 -14.05 -2.24 15.67
N GLU A 167 -13.23 -3.26 15.42
CA GLU A 167 -13.66 -4.38 14.60
C GLU A 167 -14.75 -5.20 15.32
N GLU A 168 -14.61 -5.35 16.63
CA GLU A 168 -15.62 -6.03 17.44
C GLU A 168 -16.99 -5.34 17.31
N ARG A 169 -16.99 -4.04 17.01
CA ARG A 169 -18.23 -3.30 16.74
C ARG A 169 -18.59 -3.28 15.23
N GLY A 170 -17.98 -4.18 14.45
CA GLY A 170 -18.31 -4.28 13.04
C GLY A 170 -17.22 -3.77 12.11
N GLY A 171 -16.20 -3.11 12.68
CA GLY A 171 -15.12 -2.54 11.89
C GLY A 171 -15.58 -1.72 10.70
N TRP A 172 -15.05 -2.03 9.52
CA TRP A 172 -15.42 -1.27 8.32
C TRP A 172 -16.81 -1.59 7.78
N THR A 173 -17.48 -2.60 8.34
CA THR A 173 -18.88 -2.86 8.00
C THR A 173 -19.80 -1.83 8.67
N ASN A 174 -19.27 -1.17 9.70
CA ASN A 174 -20.05 -0.24 10.51
C ASN A 174 -19.80 1.20 10.08
N ARG A 175 -20.86 1.92 9.70
CA ARG A 175 -20.72 3.27 9.18
C ARG A 175 -20.05 4.23 10.17
N GLU A 176 -20.27 4.00 11.46
CA GLU A 176 -19.67 4.85 12.49
C GLU A 176 -18.14 4.89 12.39
N THR A 177 -17.55 3.78 11.93
CA THR A 177 -16.09 3.71 11.81
C THR A 177 -15.55 4.80 10.87
N SER A 178 -16.32 5.17 9.86
CA SER A 178 -15.90 6.23 8.96
C SER A 178 -15.75 7.54 9.75
N TYR A 179 -16.72 7.82 10.62
CA TYR A 179 -16.68 9.04 11.43
C TYR A 179 -15.64 8.97 12.56
N LYS A 180 -15.36 7.78 13.08
CA LYS A 180 -14.26 7.65 14.04
C LYS A 180 -12.92 7.96 13.37
N PHE A 181 -12.74 7.48 12.13
CA PHE A 181 -11.53 7.79 11.37
C PHE A 181 -11.36 9.30 11.20
N LEU A 182 -12.48 9.98 10.92
CA LEU A 182 -12.48 11.43 10.77
C LEU A 182 -11.89 12.11 12.00
N GLU A 183 -12.39 11.73 13.17
CA GLU A 183 -11.88 12.26 14.43
C GLU A 183 -10.39 11.90 14.65
N TYR A 184 -10.03 10.65 14.34
CA TYR A 184 -8.64 10.21 14.39
C TYR A 184 -7.75 11.08 13.48
N ALA A 185 -8.17 11.29 12.23
CA ALA A 185 -7.44 12.17 11.31
C ALA A 185 -7.19 13.55 11.92
N GLU A 186 -8.21 14.15 12.53
CA GLU A 186 -8.07 15.46 13.14
C GLU A 186 -7.10 15.39 14.32
N THR A 187 -7.23 14.33 15.13
CA THR A 187 -6.35 14.15 16.28
C THR A 187 -4.87 14.14 15.88
N VAL A 188 -4.54 13.42 14.80
CA VAL A 188 -3.15 13.37 14.33
C VAL A 188 -2.71 14.72 13.74
N HIS A 189 -3.62 15.40 13.06
CA HIS A 189 -3.28 16.67 12.43
C HIS A 189 -3.03 17.78 13.46
N GLU A 190 -3.81 17.77 14.54
CA GLU A 190 -3.60 18.68 15.65
C GLU A 190 -2.14 18.58 16.09
N LYS A 191 -1.64 17.36 16.21
CA LYS A 191 -0.28 17.13 16.71
C LYS A 191 0.82 17.42 15.69
N LEU A 192 0.63 17.03 14.43
CA LEU A 192 1.71 17.04 13.45
C LEU A 192 1.53 18.07 12.33
N GLY A 193 0.36 18.67 12.26
CA GLY A 193 0.00 19.54 11.14
C GLY A 193 0.89 20.75 10.96
N ASP A 194 1.58 21.15 12.03
CA ASP A 194 2.48 22.31 11.94
C ASP A 194 3.73 21.97 11.15
N ARG A 195 4.01 20.67 10.99
CA ARG A 195 5.26 20.22 10.40
C ARG A 195 5.09 19.30 9.18
N VAL A 196 4.01 18.52 9.18
CA VAL A 196 3.76 17.60 8.08
C VAL A 196 2.79 18.22 7.08
N LYS A 197 3.21 18.32 5.82
CA LYS A 197 2.39 18.95 4.78
C LYS A 197 1.77 17.96 3.81
N HIS A 198 2.22 16.71 3.86
CA HIS A 198 1.75 15.69 2.91
C HIS A 198 1.01 14.60 3.66
N TRP A 199 -0.28 14.49 3.35
CA TRP A 199 -1.22 13.64 4.05
C TRP A 199 -1.91 12.64 3.13
N THR A 200 -1.78 11.36 3.44
CA THR A 200 -2.52 10.31 2.74
C THR A 200 -3.56 9.68 3.66
N THR A 201 -4.80 9.63 3.21
CA THR A 201 -5.86 9.03 4.02
C THR A 201 -5.65 7.51 4.15
N PHE A 202 -5.76 6.81 3.04
CA PHE A 202 -5.62 5.36 3.02
C PHE A 202 -4.45 4.87 2.16
N ASN A 203 -3.85 3.75 2.58
CA ASN A 203 -2.98 2.99 1.69
C ASN A 203 -3.64 1.69 1.26
N GLU A 204 -3.85 1.53 -0.03
CA GLU A 204 -4.40 0.29 -0.59
C GLU A 204 -5.74 -0.10 0.01
N PRO A 205 -6.76 0.76 -0.13
CA PRO A 205 -8.06 0.40 0.44
C PRO A 205 -8.62 -0.92 -0.07
N LEU A 206 -8.23 -1.32 -1.28
CA LEU A 206 -8.69 -2.60 -1.83
C LEU A 206 -8.31 -3.75 -0.93
N CYS A 207 -7.09 -3.68 -0.38
CA CYS A 207 -6.61 -4.75 0.47
C CYS A 207 -7.40 -4.85 1.77
N SER A 208 -7.54 -3.71 2.47
CA SER A 208 -8.21 -3.74 3.77
C SER A 208 -9.72 -4.02 3.62
N SER A 209 -10.26 -3.80 2.43
CA SER A 209 -11.67 -4.11 2.19
C SER A 209 -11.87 -5.53 1.62
N LEU A 210 -11.53 -5.72 0.36
CA LEU A 210 -11.72 -7.03 -0.31
C LEU A 210 -10.88 -8.16 0.28
N ILE A 211 -9.60 -7.90 0.53
CA ILE A 211 -8.71 -8.98 0.92
C ILE A 211 -8.86 -9.32 2.40
N GLY A 212 -9.33 -8.35 3.19
CA GLY A 212 -9.54 -8.56 4.62
C GLY A 212 -10.96 -8.95 4.99
N TYR A 213 -11.94 -8.64 4.14
CA TYR A 213 -13.32 -9.00 4.46
C TYR A 213 -13.95 -10.02 3.50
N ALA A 214 -13.29 -10.31 2.38
CA ALA A 214 -13.83 -11.25 1.41
C ALA A 214 -12.90 -12.45 1.18
N ALA A 215 -11.62 -12.18 0.95
CA ALA A 215 -10.66 -13.25 0.67
C ALA A 215 -10.23 -13.98 1.93
N GLY A 216 -10.21 -13.24 3.04
CA GLY A 216 -9.81 -13.81 4.31
C GLY A 216 -8.31 -13.92 4.52
N GLU A 217 -7.51 -13.39 3.59
CA GLU A 217 -6.06 -13.44 3.77
C GLU A 217 -5.58 -12.37 4.74
N HIS A 218 -6.21 -11.21 4.71
CA HIS A 218 -5.80 -10.07 5.56
C HIS A 218 -6.73 -9.91 6.75
N ALA A 219 -6.23 -9.27 7.81
CA ALA A 219 -7.06 -8.97 8.97
C ALA A 219 -8.27 -8.15 8.53
N PRO A 220 -9.45 -8.38 9.14
CA PRO A 220 -9.72 -9.31 10.25
C PRO A 220 -9.96 -10.75 9.82
N GLY A 221 -9.62 -11.08 8.58
CA GLY A 221 -9.70 -12.47 8.13
C GLY A 221 -11.12 -12.96 7.87
N ARG A 222 -12.02 -12.05 7.48
CA ARG A 222 -13.39 -12.46 7.21
C ARG A 222 -13.58 -12.84 5.74
N GLN A 223 -14.60 -13.65 5.47
CA GLN A 223 -14.93 -14.04 4.10
C GLN A 223 -16.43 -13.83 3.84
N GLU A 224 -16.81 -12.56 3.80
CA GLU A 224 -18.20 -12.14 3.65
C GLU A 224 -18.32 -11.02 2.63
N PRO A 225 -18.74 -11.35 1.41
CA PRO A 225 -18.90 -10.40 0.31
C PRO A 225 -19.63 -9.14 0.73
N GLN A 226 -20.72 -9.29 1.49
CA GLN A 226 -21.51 -8.14 1.94
C GLN A 226 -20.70 -7.24 2.85
N ALA A 227 -19.86 -7.86 3.68
CA ALA A 227 -19.03 -7.13 4.62
C ALA A 227 -17.94 -6.40 3.84
N ALA A 228 -17.43 -7.04 2.79
CA ALA A 228 -16.36 -6.44 1.99
C ALA A 228 -16.82 -5.17 1.28
N LEU A 229 -17.97 -5.27 0.61
CA LEU A 229 -18.54 -4.12 -0.10
C LEU A 229 -18.94 -2.98 0.86
N ALA A 230 -19.38 -3.33 2.05
CA ALA A 230 -19.67 -2.32 3.07
C ALA A 230 -18.37 -1.62 3.43
N ALA A 231 -17.31 -2.41 3.59
CA ALA A 231 -15.99 -1.87 3.90
C ALA A 231 -15.49 -0.96 2.77
N VAL A 232 -15.73 -1.36 1.52
CA VAL A 232 -15.35 -0.51 0.39
C VAL A 232 -15.94 0.88 0.53
N HIS A 233 -17.24 0.95 0.78
CA HIS A 233 -17.93 2.23 0.84
C HIS A 233 -17.53 3.05 2.07
N HIS A 234 -17.48 2.42 3.24
CA HIS A 234 -17.19 3.18 4.46
C HIS A 234 -15.75 3.70 4.49
N GLN A 235 -14.81 2.98 3.87
CA GLN A 235 -13.45 3.50 3.72
C GLN A 235 -13.45 4.73 2.82
N HIS A 236 -14.17 4.64 1.71
CA HIS A 236 -14.33 5.77 0.80
C HIS A 236 -14.90 6.97 1.57
N LEU A 237 -15.94 6.71 2.34
CA LEU A 237 -16.61 7.76 3.10
C LEU A 237 -15.63 8.35 4.11
N ALA A 238 -14.89 7.48 4.78
CA ALA A 238 -13.83 7.89 5.70
C ALA A 238 -12.79 8.76 4.97
N HIS A 239 -12.40 8.33 3.78
CA HIS A 239 -11.45 9.10 2.99
C HIS A 239 -11.96 10.51 2.72
N GLY A 240 -13.24 10.62 2.37
CA GLY A 240 -13.83 11.88 1.96
C GLY A 240 -14.02 12.82 3.13
N LEU A 241 -14.53 12.28 4.23
CA LEU A 241 -14.68 13.04 5.47
C LEU A 241 -13.34 13.60 5.92
N ALA A 242 -12.33 12.74 5.93
CA ALA A 242 -11.00 13.14 6.42
C ALA A 242 -10.32 14.12 5.48
N THR A 243 -10.47 13.93 4.17
CA THR A 243 -9.86 14.84 3.20
C THR A 243 -10.39 16.25 3.40
N ALA A 244 -11.72 16.37 3.51
CA ALA A 244 -12.37 17.65 3.73
C ALA A 244 -11.91 18.32 5.01
N ARG A 245 -11.94 17.57 6.11
CA ARG A 245 -11.55 18.13 7.41
C ARG A 245 -10.07 18.57 7.41
N LEU A 246 -9.19 17.71 6.91
CA LEU A 246 -7.76 18.03 6.83
C LEU A 246 -7.53 19.27 5.98
N ARG A 247 -8.27 19.40 4.90
CA ARG A 247 -8.21 20.59 4.07
C ARG A 247 -8.60 21.82 4.91
N GLU A 248 -9.72 21.73 5.61
CA GLU A 248 -10.14 22.80 6.53
C GLU A 248 -9.03 23.14 7.52
N LEU A 249 -8.34 22.11 8.04
CA LEU A 249 -7.30 22.33 9.03
C LEU A 249 -6.01 22.84 8.39
N GLY A 250 -6.04 23.04 7.07
CA GLY A 250 -4.93 23.63 6.36
C GLY A 250 -3.89 22.67 5.78
N ALA A 251 -4.14 21.37 5.81
CA ALA A 251 -3.19 20.43 5.23
C ALA A 251 -2.97 20.79 3.75
N GLU A 252 -1.71 20.91 3.36
CA GLU A 252 -1.37 21.45 2.05
C GLU A 252 -1.55 20.46 0.89
N HIS A 253 -1.09 19.22 1.06
CA HIS A 253 -1.27 18.20 0.02
C HIS A 253 -1.96 17.00 0.62
N ILE A 254 -3.14 16.69 0.10
CA ILE A 254 -3.91 15.55 0.59
C ILE A 254 -4.22 14.62 -0.58
N GLY A 255 -4.03 13.33 -0.36
CA GLY A 255 -4.34 12.36 -1.41
C GLY A 255 -4.69 10.99 -0.85
N ILE A 256 -4.71 10.00 -1.73
CA ILE A 256 -4.97 8.62 -1.35
C ILE A 256 -4.05 7.72 -2.19
N THR A 257 -3.67 6.57 -1.65
CA THR A 257 -2.81 5.64 -2.37
C THR A 257 -3.55 4.34 -2.72
N LEU A 258 -3.59 4.00 -4.01
CA LEU A 258 -4.28 2.81 -4.48
C LEU A 258 -3.32 1.84 -5.15
N ASN A 259 -3.49 0.54 -4.87
CA ASN A 259 -2.78 -0.45 -5.65
C ASN A 259 -3.58 -0.70 -6.93
N LEU A 260 -3.00 -0.35 -8.07
CA LEU A 260 -3.72 -0.43 -9.34
C LEU A 260 -3.07 -1.44 -10.27
N THR A 261 -3.85 -1.95 -11.21
CA THR A 261 -3.37 -3.01 -12.09
C THR A 261 -3.83 -2.77 -13.52
N ASN A 262 -3.33 -3.59 -14.43
CA ASN A 262 -3.92 -3.70 -15.76
C ASN A 262 -4.59 -5.06 -15.81
N ALA A 263 -5.87 -5.10 -16.14
CA ALA A 263 -6.56 -6.38 -16.32
C ALA A 263 -6.39 -6.82 -17.76
N VAL A 264 -5.35 -7.62 -18.00
CA VAL A 264 -5.00 -8.09 -19.34
C VAL A 264 -5.73 -9.40 -19.66
N PRO A 265 -6.59 -9.38 -20.70
CA PRO A 265 -7.25 -10.62 -21.09
C PRO A 265 -6.24 -11.63 -21.63
N ASN A 266 -6.26 -12.85 -21.08
CA ASN A 266 -5.34 -13.89 -21.51
C ASN A 266 -5.41 -14.10 -23.00
N ASN A 267 -6.63 -14.18 -23.52
CA ASN A 267 -6.88 -14.22 -24.95
C ASN A 267 -7.75 -13.04 -25.32
N PRO A 268 -7.15 -12.01 -25.94
CA PRO A 268 -7.87 -10.78 -26.29
C PRO A 268 -8.90 -11.02 -27.39
N GLY A 269 -8.81 -12.16 -28.07
CA GLY A 269 -9.77 -12.51 -29.10
C GLY A 269 -10.98 -13.25 -28.56
N ASP A 270 -11.05 -13.39 -27.24
CA ASP A 270 -12.06 -14.22 -26.59
C ASP A 270 -12.97 -13.35 -25.71
N PRO A 271 -14.25 -13.23 -26.10
CA PRO A 271 -15.19 -12.42 -25.30
C PRO A 271 -15.34 -12.90 -23.85
N VAL A 272 -15.08 -14.18 -23.58
CA VAL A 272 -15.13 -14.67 -22.21
C VAL A 272 -14.03 -14.03 -21.35
N ASP A 273 -12.86 -13.86 -21.94
CA ASP A 273 -11.71 -13.25 -21.24
C ASP A 273 -11.87 -11.75 -21.10
N LEU A 274 -12.40 -11.11 -22.15
CA LEU A 274 -12.68 -9.68 -22.12
C LEU A 274 -13.69 -9.35 -21.04
N GLU A 275 -14.71 -10.20 -20.90
CA GLU A 275 -15.70 -9.99 -19.85
C GLU A 275 -15.06 -10.16 -18.48
N ALA A 276 -14.19 -11.17 -18.36
CA ALA A 276 -13.53 -11.41 -17.08
C ALA A 276 -12.61 -10.24 -16.76
N ALA A 277 -11.93 -9.73 -17.80
CA ALA A 277 -11.01 -8.61 -17.62
C ALA A 277 -11.75 -7.32 -17.22
N ARG A 278 -12.88 -7.08 -17.87
CA ARG A 278 -13.75 -5.97 -17.49
C ARG A 278 -14.15 -6.05 -16.01
N ARG A 279 -14.59 -7.22 -15.57
CA ARG A 279 -15.07 -7.39 -14.20
C ARG A 279 -13.93 -7.17 -13.19
N VAL A 280 -12.71 -7.56 -13.59
CA VAL A 280 -11.55 -7.38 -12.74
C VAL A 280 -11.13 -5.92 -12.74
N ASP A 281 -11.15 -5.29 -13.90
CA ASP A 281 -10.81 -3.87 -14.00
C ASP A 281 -11.78 -3.07 -13.15
N ALA A 282 -13.07 -3.42 -13.22
CA ALA A 282 -14.10 -2.75 -12.44
C ALA A 282 -13.87 -2.85 -10.93
N LEU A 283 -13.56 -4.06 -10.46
CA LEU A 283 -13.45 -4.29 -9.02
C LEU A 283 -12.15 -3.73 -8.47
N TRP A 284 -11.06 -3.99 -9.17
CA TRP A 284 -9.73 -3.65 -8.67
C TRP A 284 -9.35 -2.18 -8.85
N ASN A 285 -9.65 -1.65 -10.03
CA ASN A 285 -9.29 -0.27 -10.36
C ASN A 285 -10.44 0.69 -10.16
N ARG A 286 -11.49 0.53 -10.97
CA ARG A 286 -12.54 1.55 -11.05
C ARG A 286 -13.45 1.70 -9.82
N MET A 287 -13.67 0.61 -9.07
CA MET A 287 -14.43 0.74 -7.84
C MET A 287 -13.77 1.70 -6.83
N TYR A 288 -12.45 1.87 -6.96
CA TYR A 288 -11.70 2.77 -6.07
C TYR A 288 -11.36 4.12 -6.73
N LEU A 289 -11.02 4.09 -8.01
CA LEU A 289 -10.74 5.34 -8.73
C LEU A 289 -11.99 6.22 -8.94
N ASP A 290 -13.09 5.62 -9.38
CA ASP A 290 -14.24 6.43 -9.82
C ASP A 290 -14.93 7.22 -8.70
N PRO A 291 -15.19 6.60 -7.53
CA PRO A 291 -15.84 7.42 -6.50
C PRO A 291 -14.97 8.59 -6.02
N VAL A 292 -13.66 8.38 -5.96
CA VAL A 292 -12.72 9.44 -5.59
C VAL A 292 -12.65 10.55 -6.65
N LEU A 293 -12.34 10.14 -7.89
CA LEU A 293 -12.14 11.10 -8.98
C LEU A 293 -13.41 11.49 -9.78
N ARG A 294 -14.45 10.66 -9.75
CA ARG A 294 -15.63 10.96 -10.57
C ARG A 294 -16.91 11.19 -9.78
N GLY A 295 -16.89 10.86 -8.49
CA GLY A 295 -18.07 11.05 -7.64
C GLY A 295 -19.16 10.03 -7.92
N SER A 296 -18.77 8.87 -8.43
CA SER A 296 -19.72 7.80 -8.76
C SER A 296 -19.06 6.43 -8.76
N TYR A 297 -19.82 5.40 -8.41
CA TYR A 297 -19.40 4.04 -8.69
C TYR A 297 -19.74 3.76 -10.14
N PRO A 298 -18.88 2.99 -10.85
CA PRO A 298 -19.13 2.71 -12.27
C PRO A 298 -20.45 1.97 -12.43
N GLU A 299 -21.17 2.22 -13.52
CA GLU A 299 -22.46 1.60 -13.75
C GLU A 299 -22.33 0.07 -13.92
N ASP A 300 -21.31 -0.38 -14.66
CA ASP A 300 -21.13 -1.82 -14.87
C ASP A 300 -20.76 -2.54 -13.56
N LEU A 301 -19.99 -1.86 -12.72
CA LEU A 301 -19.62 -2.44 -11.43
C LEU A 301 -20.85 -2.64 -10.55
N LEU A 302 -21.69 -1.62 -10.49
CA LEU A 302 -22.94 -1.69 -9.71
C LEU A 302 -23.84 -2.83 -10.19
N GLU A 303 -23.81 -3.10 -11.49
CA GLU A 303 -24.57 -4.22 -12.04
C GLU A 303 -23.95 -5.53 -11.63
N ASP A 304 -22.62 -5.61 -11.69
CA ASP A 304 -21.91 -6.85 -11.33
C ASP A 304 -22.17 -7.27 -9.89
N VAL A 305 -22.16 -6.31 -8.97
CA VAL A 305 -22.30 -6.64 -7.55
C VAL A 305 -23.73 -6.46 -7.03
N GLN A 306 -24.67 -6.41 -7.97
CA GLN A 306 -26.09 -6.24 -7.66
C GLN A 306 -26.55 -7.21 -6.58
N GLY A 307 -27.17 -6.68 -5.52
CA GLY A 307 -27.70 -7.49 -4.45
C GLY A 307 -26.63 -8.06 -3.51
N LEU A 308 -25.39 -7.62 -3.66
CA LEU A 308 -24.33 -8.13 -2.80
C LEU A 308 -23.94 -7.16 -1.67
N GLY A 309 -24.66 -6.05 -1.54
CA GLY A 309 -24.56 -5.21 -0.36
C GLY A 309 -23.89 -3.85 -0.47
N LEU A 310 -23.65 -3.37 -1.69
CA LEU A 310 -23.05 -2.04 -1.87
C LEU A 310 -24.11 -0.94 -1.86
N ALA A 311 -25.16 -1.13 -2.66
CA ALA A 311 -26.23 -0.14 -2.77
C ALA A 311 -26.88 0.18 -1.42
N GLU A 312 -26.91 -0.81 -0.53
CA GLU A 312 -27.61 -0.69 0.75
C GLU A 312 -26.91 0.26 1.71
N VAL A 313 -25.60 0.40 1.55
CA VAL A 313 -24.82 1.23 2.48
C VAL A 313 -24.59 2.64 1.94
N ILE A 314 -24.98 2.86 0.68
CA ILE A 314 -24.85 4.18 0.08
C ILE A 314 -25.99 5.11 0.49
N GLU A 315 -25.66 6.22 1.16
CA GLU A 315 -26.67 7.19 1.56
C GLU A 315 -26.52 8.48 0.74
N ALA A 316 -27.61 9.24 0.64
CA ALA A 316 -27.59 10.49 -0.14
C ALA A 316 -26.48 11.41 0.34
N GLY A 317 -25.73 11.97 -0.61
CA GLY A 317 -24.63 12.85 -0.30
C GLY A 317 -23.30 12.14 -0.09
N ASP A 318 -23.33 10.81 0.04
CA ASP A 318 -22.09 10.06 0.29
C ASP A 318 -21.04 10.28 -0.81
N LEU A 319 -21.43 10.11 -2.07
CA LEU A 319 -20.47 10.25 -3.16
C LEU A 319 -19.93 11.66 -3.34
N GLU A 320 -20.75 12.67 -3.03
CA GLU A 320 -20.26 14.04 -2.99
C GLU A 320 -19.16 14.17 -1.92
N ILE A 321 -19.41 13.58 -0.76
CA ILE A 321 -18.40 13.59 0.31
C ILE A 321 -17.12 12.87 -0.13
N ILE A 322 -17.28 11.67 -0.69
CA ILE A 322 -16.14 10.85 -1.14
C ILE A 322 -15.26 11.55 -2.17
N SER A 323 -15.88 12.28 -3.09
CA SER A 323 -15.17 12.88 -4.23
C SER A 323 -14.64 14.29 -3.94
N GLN A 324 -14.02 14.47 -2.78
CA GLN A 324 -13.30 15.72 -2.49
C GLN A 324 -12.14 15.86 -3.45
N PRO A 325 -11.79 17.09 -3.79
CA PRO A 325 -10.56 17.25 -4.59
C PRO A 325 -9.36 16.67 -3.84
N ILE A 326 -8.51 15.93 -4.54
CA ILE A 326 -7.24 15.49 -3.96
C ILE A 326 -6.07 16.11 -4.73
N ASP A 327 -4.97 16.37 -4.02
CA ASP A 327 -3.83 17.04 -4.63
C ASP A 327 -2.84 16.10 -5.29
N PHE A 328 -2.92 14.81 -4.97
CA PHE A 328 -2.08 13.82 -5.64
C PHE A 328 -2.77 12.46 -5.57
N LEU A 329 -2.44 11.57 -6.48
CA LEU A 329 -2.88 10.18 -6.37
C LEU A 329 -1.63 9.32 -6.22
N GLY A 330 -1.54 8.55 -5.13
CA GLY A 330 -0.42 7.66 -4.97
C GLY A 330 -0.74 6.34 -5.67
N VAL A 331 0.16 5.91 -6.55
CA VAL A 331 0.00 4.64 -7.26
C VAL A 331 0.91 3.57 -6.68
N ASN A 332 0.33 2.46 -6.19
CA ASN A 332 1.13 1.31 -5.80
C ASN A 332 1.02 0.27 -6.90
N HIS A 333 2.14 -0.27 -7.35
CA HIS A 333 2.07 -1.24 -8.43
C HIS A 333 3.25 -2.18 -8.41
N TYR A 334 2.94 -3.47 -8.33
CA TYR A 334 3.98 -4.50 -8.27
C TYR A 334 3.98 -5.38 -9.53
N HIS A 335 2.80 -5.54 -10.11
CA HIS A 335 2.63 -6.34 -11.33
C HIS A 335 1.19 -6.16 -11.77
N ASP A 336 0.93 -6.36 -13.07
CA ASP A 336 -0.45 -6.35 -13.53
C ASP A 336 -1.02 -7.77 -13.55
N ASP A 337 -2.26 -7.92 -14.00
CA ASP A 337 -2.95 -9.21 -13.93
C ASP A 337 -3.38 -9.76 -15.29
N ASN A 338 -3.06 -11.03 -15.53
CA ASN A 338 -3.50 -11.75 -16.72
C ASN A 338 -4.81 -12.45 -16.36
N VAL A 339 -5.90 -12.08 -17.03
CA VAL A 339 -7.23 -12.51 -16.61
C VAL A 339 -7.87 -13.42 -17.65
N SER A 340 -8.55 -14.46 -17.18
CA SER A 340 -9.37 -15.30 -18.05
C SER A 340 -10.72 -15.57 -17.39
N GLY A 341 -11.74 -15.83 -18.20
CA GLY A 341 -13.04 -16.23 -17.68
C GLY A 341 -13.22 -17.74 -17.68
N HIS A 342 -12.25 -18.46 -18.27
CA HIS A 342 -12.29 -19.92 -18.31
C HIS A 342 -11.56 -20.55 -17.12
N PRO A 343 -11.89 -21.82 -16.79
CA PRO A 343 -11.09 -22.57 -15.82
C PRO A 343 -9.62 -22.57 -16.27
N LEU A 344 -8.69 -22.79 -15.33
CA LEU A 344 -7.27 -22.79 -15.69
C LEU A 344 -6.97 -23.97 -16.61
N PRO A 345 -6.08 -23.74 -17.60
CA PRO A 345 -5.61 -24.84 -18.43
C PRO A 345 -4.69 -25.71 -17.58
N ALA A 346 -4.37 -26.92 -18.03
CA ALA A 346 -3.70 -27.91 -17.16
C ALA A 346 -2.22 -27.65 -16.87
N GLY A 347 -1.53 -26.92 -17.75
CA GLY A 347 -0.10 -26.69 -17.56
C GLY A 347 0.21 -25.51 -16.66
N GLN A 348 0.02 -25.67 -15.35
CA GLN A 348 -0.09 -24.50 -14.49
C GLN A 348 0.71 -24.62 -13.19
N PRO A 349 1.47 -23.57 -12.84
CA PRO A 349 2.27 -23.56 -11.60
C PRO A 349 1.35 -23.50 -10.38
N GLN A 350 1.71 -24.20 -9.30
CA GLN A 350 0.91 -24.14 -8.06
C GLN A 350 0.80 -22.69 -7.55
N PRO A 351 -0.34 -22.36 -6.92
CA PRO A 351 -0.41 -21.03 -6.31
C PRO A 351 0.64 -20.94 -5.20
N VAL A 352 1.23 -19.75 -5.03
CA VAL A 352 2.09 -19.50 -3.89
C VAL A 352 1.29 -18.66 -2.92
N VAL A 353 1.07 -19.21 -1.72
CA VAL A 353 0.25 -18.54 -0.72
C VAL A 353 1.00 -18.49 0.62
N PRO A 354 0.73 -17.46 1.43
CA PRO A 354 1.45 -17.28 2.70
C PRO A 354 1.24 -18.42 3.71
N THR A 355 0.01 -18.91 3.81
CA THR A 355 -0.29 -20.13 4.56
C THR A 355 -1.35 -20.91 3.79
N ASP A 356 -1.70 -22.09 4.27
CA ASP A 356 -2.71 -22.91 3.61
C ASP A 356 -4.10 -22.78 4.22
N SER A 357 -4.31 -21.73 5.01
CA SER A 357 -5.62 -21.47 5.61
C SER A 357 -6.65 -21.35 4.50
N PRO A 358 -7.89 -21.83 4.75
CA PRO A 358 -8.93 -21.72 3.73
C PRO A 358 -9.21 -20.25 3.40
N LYS A 359 -9.28 -19.92 2.11
CA LYS A 359 -9.46 -18.53 1.69
C LYS A 359 -10.45 -18.46 0.53
N SER A 360 -10.84 -17.26 0.13
CA SER A 360 -11.76 -17.10 -0.99
C SER A 360 -11.21 -16.14 -2.02
N SER A 361 -11.96 -15.96 -3.11
CA SER A 361 -11.58 -14.98 -4.11
C SER A 361 -11.99 -13.61 -3.57
N PRO A 362 -11.12 -12.61 -3.78
CA PRO A 362 -11.50 -11.25 -3.38
C PRO A 362 -12.47 -10.63 -4.38
N PHE A 363 -12.67 -11.28 -5.53
CA PHE A 363 -13.44 -10.67 -6.62
C PHE A 363 -14.93 -10.87 -6.45
N VAL A 364 -15.49 -10.13 -5.49
CA VAL A 364 -16.90 -10.18 -5.15
C VAL A 364 -17.78 -10.04 -6.40
N GLY A 365 -18.70 -11.00 -6.57
CA GLY A 365 -19.55 -11.05 -7.75
C GLY A 365 -18.88 -11.65 -8.99
N SER A 366 -17.57 -11.88 -8.92
CA SER A 366 -16.84 -12.39 -10.09
C SER A 366 -15.77 -13.40 -9.68
N GLU A 367 -16.12 -14.27 -8.73
CA GLU A 367 -15.16 -15.22 -8.19
C GLU A 367 -14.76 -16.32 -9.17
N TYR A 368 -15.48 -16.42 -10.28
CA TYR A 368 -15.20 -17.42 -11.32
C TYR A 368 -13.96 -17.11 -12.15
N VAL A 369 -13.56 -15.84 -12.17
CA VAL A 369 -12.44 -15.43 -13.00
C VAL A 369 -11.15 -16.12 -12.54
N THR A 370 -10.24 -16.37 -13.48
CA THR A 370 -8.98 -17.02 -13.16
C THR A 370 -7.81 -16.21 -13.70
N PHE A 371 -6.59 -16.65 -13.35
CA PHE A 371 -5.39 -15.88 -13.71
C PHE A 371 -4.30 -16.80 -14.23
N PRO A 372 -4.40 -17.21 -15.52
CA PRO A 372 -3.40 -18.17 -16.01
C PRO A 372 -2.01 -17.56 -16.04
N ALA A 373 -0.99 -18.41 -15.92
CA ALA A 373 0.39 -17.94 -15.85
C ALA A 373 0.85 -17.34 -17.18
N ARG A 374 1.74 -16.35 -17.09
CA ARG A 374 2.40 -15.84 -18.27
C ARG A 374 3.86 -16.30 -18.25
N ASP A 375 4.51 -16.29 -19.40
CA ASP A 375 5.92 -16.65 -19.48
C ASP A 375 6.77 -15.47 -18.96
N LEU A 376 6.84 -15.34 -17.64
CA LEU A 376 7.53 -14.20 -17.04
C LEU A 376 8.23 -14.65 -15.77
N PRO A 377 9.34 -14.00 -15.41
CA PRO A 377 9.97 -14.39 -14.15
C PRO A 377 9.06 -14.07 -12.97
N ARG A 378 9.36 -14.63 -11.80
CA ARG A 378 8.57 -14.39 -10.60
C ARG A 378 9.44 -14.08 -9.41
N THR A 379 8.89 -13.35 -8.44
CA THR A 379 9.62 -13.08 -7.20
C THR A 379 9.49 -14.27 -6.25
N ALA A 380 10.07 -14.17 -5.05
CA ALA A 380 9.97 -15.29 -4.10
C ALA A 380 8.54 -15.49 -3.60
N MET A 381 7.66 -14.52 -3.84
CA MET A 381 6.27 -14.63 -3.41
C MET A 381 5.39 -15.16 -4.54
N GLY A 382 6.03 -15.51 -5.66
CA GLY A 382 5.32 -16.06 -6.80
C GLY A 382 4.67 -15.01 -7.66
N TRP A 383 5.04 -13.74 -7.44
CA TRP A 383 4.47 -12.63 -8.19
C TRP A 383 5.21 -12.47 -9.51
N GLU A 384 4.46 -12.38 -10.61
CA GLU A 384 5.09 -12.18 -11.91
C GLU A 384 5.73 -10.80 -11.97
N VAL A 385 6.75 -10.65 -12.82
CA VAL A 385 7.48 -9.42 -12.94
C VAL A 385 7.28 -8.90 -14.36
N ASN A 386 6.61 -7.75 -14.49
CA ASN A 386 6.29 -7.20 -15.81
C ASN A 386 6.37 -5.67 -15.81
N PRO A 387 7.60 -5.14 -15.85
CA PRO A 387 7.89 -3.72 -15.66
C PRO A 387 7.16 -2.85 -16.66
N GLU A 388 7.01 -3.32 -17.90
CA GLU A 388 6.36 -2.49 -18.89
C GLU A 388 4.88 -2.28 -18.54
N GLY A 389 4.34 -3.17 -17.70
CA GLY A 389 2.99 -3.01 -17.21
C GLY A 389 2.82 -1.74 -16.42
N LEU A 390 3.89 -1.30 -15.75
CA LEU A 390 3.82 -0.03 -15.05
C LEU A 390 3.59 1.10 -16.06
N ARG A 391 4.33 1.06 -17.16
CA ARG A 391 4.18 2.10 -18.18
C ARG A 391 2.76 2.13 -18.74
N VAL A 392 2.20 0.94 -18.99
CA VAL A 392 0.84 0.81 -19.50
C VAL A 392 -0.16 1.42 -18.53
N LEU A 393 0.01 1.10 -17.25
CA LEU A 393 -0.88 1.60 -16.22
C LEU A 393 -0.85 3.12 -16.13
N LEU A 394 0.36 3.69 -16.12
CA LEU A 394 0.49 5.14 -15.96
C LEU A 394 -0.16 5.82 -17.16
N ASN A 395 0.09 5.30 -18.36
CA ASN A 395 -0.50 5.88 -19.55
C ASN A 395 -2.02 5.83 -19.53
N ARG A 396 -2.59 4.69 -19.11
CA ARG A 396 -4.05 4.56 -19.11
C ARG A 396 -4.70 5.54 -18.14
N LEU A 397 -4.09 5.72 -16.96
CA LEU A 397 -4.61 6.66 -15.98
C LEU A 397 -4.59 8.05 -16.60
N ASN A 398 -3.48 8.37 -17.26
CA ASN A 398 -3.33 9.70 -17.85
C ASN A 398 -4.39 9.99 -18.91
N GLN A 399 -4.71 8.97 -19.69
CA GLN A 399 -5.64 9.13 -20.81
C GLN A 399 -7.11 9.13 -20.39
N ASP A 400 -7.46 8.32 -19.38
CA ASP A 400 -8.88 8.09 -19.06
C ASP A 400 -9.48 9.00 -17.98
N TYR A 401 -8.63 9.71 -17.23
CA TYR A 401 -9.12 10.61 -16.19
C TYR A 401 -8.65 12.02 -16.49
N ALA A 402 -9.54 12.82 -17.05
CA ALA A 402 -9.19 14.13 -17.59
C ALA A 402 -8.52 15.02 -16.54
N ASN A 403 -9.02 14.93 -15.30
CA ASN A 403 -8.45 15.72 -14.23
C ASN A 403 -7.79 14.84 -13.16
N LEU A 404 -6.97 13.92 -13.64
CA LEU A 404 -6.08 13.14 -12.78
C LEU A 404 -5.12 14.11 -12.09
N PRO A 405 -4.94 13.97 -10.77
CA PRO A 405 -3.94 14.84 -10.13
C PRO A 405 -2.55 14.32 -10.46
N SER A 406 -1.53 15.03 -10.02
CA SER A 406 -0.14 14.58 -10.15
C SER A 406 0.03 13.20 -9.54
N LEU A 407 0.87 12.37 -10.16
CA LEU A 407 1.06 11.01 -9.70
C LEU A 407 2.38 10.83 -8.96
N TYR A 408 2.34 9.99 -7.92
CA TYR A 408 3.56 9.54 -7.23
C TYR A 408 3.50 8.02 -7.18
N ILE A 409 4.62 7.35 -7.44
CA ILE A 409 4.67 5.91 -7.23
C ILE A 409 4.94 5.73 -5.75
N THR A 410 3.89 5.42 -4.99
CA THR A 410 4.04 5.39 -3.53
C THR A 410 4.49 4.02 -2.98
N GLU A 411 4.38 2.99 -3.80
CA GLU A 411 5.01 1.69 -3.50
C GLU A 411 5.40 0.95 -4.77
N ASN A 412 6.64 0.45 -4.79
CA ASN A 412 7.12 -0.45 -5.84
C ASN A 412 8.35 -1.17 -5.30
N GLY A 413 8.39 -2.49 -5.46
CA GLY A 413 9.49 -3.28 -4.92
C GLY A 413 9.30 -4.77 -5.16
N ALA A 414 10.22 -5.58 -4.64
CA ALA A 414 10.17 -7.01 -4.89
C ALA A 414 10.71 -7.76 -3.69
N SER A 415 10.22 -8.98 -3.49
CA SER A 415 10.76 -9.84 -2.45
C SER A 415 11.51 -11.02 -3.05
N TYR A 416 12.82 -11.02 -2.84
CA TYR A 416 13.66 -12.17 -3.17
C TYR A 416 14.35 -12.59 -1.88
N THR A 417 14.80 -13.85 -1.82
CA THR A 417 15.48 -14.33 -0.62
C THR A 417 16.84 -13.65 -0.48
N ASP A 418 17.17 -13.24 0.74
CA ASP A 418 18.44 -12.54 1.00
C ASP A 418 19.31 -13.36 1.94
N THR A 419 20.62 -13.26 1.77
CA THR A 419 21.58 -13.76 2.77
C THR A 419 22.70 -12.73 2.95
N VAL A 420 23.24 -12.65 4.17
CA VAL A 420 24.37 -11.77 4.45
C VAL A 420 25.67 -12.54 4.19
N THR A 421 26.50 -12.03 3.28
CA THR A 421 27.76 -12.70 2.97
C THR A 421 28.67 -12.65 4.20
N GLU A 422 29.78 -13.39 4.16
CA GLU A 422 30.74 -13.36 5.26
C GLU A 422 31.44 -12.00 5.33
N ALA A 423 31.40 -11.26 4.22
CA ALA A 423 31.97 -9.92 4.15
C ALA A 423 31.00 -8.89 4.72
N GLY A 424 29.81 -9.35 5.11
CA GLY A 424 28.82 -8.47 5.72
C GLY A 424 28.03 -7.62 4.73
N THR A 425 27.91 -8.09 3.49
CA THR A 425 27.14 -7.38 2.48
C THR A 425 25.91 -8.21 2.15
N VAL A 426 24.96 -7.60 1.44
CA VAL A 426 23.83 -8.35 0.92
C VAL A 426 23.78 -8.15 -0.59
N GLU A 427 23.96 -9.26 -1.30
CA GLU A 427 23.98 -9.24 -2.75
C GLU A 427 22.61 -9.67 -3.24
N ASP A 428 21.80 -8.68 -3.64
CA ASP A 428 20.43 -8.94 -4.07
C ASP A 428 20.21 -8.40 -5.49
N PRO A 429 20.89 -9.02 -6.48
CA PRO A 429 20.82 -8.49 -7.84
C PRO A 429 19.41 -8.56 -8.43
N GLU A 430 18.61 -9.55 -8.06
CA GLU A 430 17.26 -9.62 -8.62
C GLU A 430 16.34 -8.51 -8.10
N ARG A 431 16.51 -8.13 -6.85
CA ARG A 431 15.74 -7.00 -6.32
C ARG A 431 16.18 -5.70 -6.98
N GLU A 432 17.50 -5.50 -7.07
CA GLU A 432 18.05 -4.33 -7.76
C GLU A 432 17.54 -4.23 -9.21
N GLU A 433 17.61 -5.34 -9.94
CA GLU A 433 17.14 -5.39 -11.33
C GLU A 433 15.65 -5.01 -11.46
N TYR A 434 14.84 -5.48 -10.51
CA TYR A 434 13.42 -5.17 -10.51
C TYR A 434 13.24 -3.67 -10.36
N ILE A 435 13.90 -3.09 -9.37
CA ILE A 435 13.76 -1.67 -9.12
C ILE A 435 14.20 -0.83 -10.32
N LEU A 436 15.40 -1.08 -10.85
CA LEU A 436 15.89 -0.30 -12.00
C LEU A 436 14.99 -0.46 -13.21
N ASN A 437 14.48 -1.68 -13.43
CA ASN A 437 13.61 -1.93 -14.58
C ASN A 437 12.30 -1.19 -14.47
N HIS A 438 11.78 -1.08 -13.25
CA HIS A 438 10.52 -0.35 -13.06
C HIS A 438 10.77 1.16 -13.08
N LEU A 439 11.94 1.59 -12.61
CA LEU A 439 12.32 2.99 -12.79
C LEU A 439 12.46 3.33 -14.29
N ASP A 440 12.94 2.37 -15.10
CA ASP A 440 13.02 2.58 -16.54
C ASP A 440 11.62 2.84 -17.12
N ALA A 441 10.66 2.02 -16.72
CA ALA A 441 9.27 2.20 -17.13
C ALA A 441 8.75 3.58 -16.73
N VAL A 442 9.14 4.07 -15.55
CA VAL A 442 8.70 5.40 -15.11
C VAL A 442 9.24 6.48 -16.05
N VAL A 443 10.53 6.39 -16.36
CA VAL A 443 11.16 7.31 -17.30
C VAL A 443 10.37 7.38 -18.60
N ARG A 444 10.03 6.21 -19.14
CA ARG A 444 9.31 6.15 -20.41
C ARG A 444 7.91 6.73 -20.25
N ALA A 445 7.29 6.50 -19.09
CA ALA A 445 5.98 7.09 -18.83
C ALA A 445 6.09 8.63 -18.83
N ILE A 446 7.07 9.16 -18.12
CA ILE A 446 7.33 10.60 -18.12
C ILE A 446 7.53 11.13 -19.55
N ALA A 447 8.30 10.43 -20.38
CA ALA A 447 8.51 10.83 -21.76
C ALA A 447 7.23 10.71 -22.60
N ASP A 448 6.32 9.82 -22.19
CA ASP A 448 5.02 9.69 -22.85
C ASP A 448 4.08 10.86 -22.48
N GLY A 449 4.46 11.67 -21.49
CA GLY A 449 3.64 12.81 -21.10
C GLY A 449 2.89 12.65 -19.78
N VAL A 450 3.17 11.56 -19.06
CA VAL A 450 2.51 11.33 -17.79
C VAL A 450 3.19 12.15 -16.70
N ASP A 451 2.38 12.81 -15.87
CA ASP A 451 2.90 13.65 -14.79
C ASP A 451 3.20 12.83 -13.52
N VAL A 452 4.33 12.13 -13.51
CA VAL A 452 4.79 11.38 -12.35
C VAL A 452 5.84 12.20 -11.60
N ARG A 453 5.62 12.46 -10.31
CA ARG A 453 6.50 13.42 -9.61
C ARG A 453 7.38 12.84 -8.50
N GLY A 454 7.32 11.54 -8.30
CA GLY A 454 8.06 10.94 -7.21
C GLY A 454 7.99 9.44 -7.29
N TYR A 455 8.89 8.80 -6.55
CA TYR A 455 8.96 7.35 -6.47
C TYR A 455 9.43 6.96 -5.08
N PHE A 456 8.68 6.05 -4.44
CA PHE A 456 9.03 5.54 -3.12
C PHE A 456 9.22 4.03 -3.22
N VAL A 457 10.44 3.55 -2.97
CA VAL A 457 10.67 2.12 -3.01
C VAL A 457 10.04 1.47 -1.79
N TRP A 458 9.31 0.39 -2.00
CA TRP A 458 8.90 -0.46 -0.89
C TRP A 458 9.88 -1.61 -0.80
N SER A 459 10.55 -1.80 0.34
CA SER A 459 10.38 -0.96 1.52
C SER A 459 11.76 -0.46 1.98
N LEU A 460 11.78 0.56 2.84
CA LEU A 460 13.06 1.02 3.40
C LEU A 460 13.71 -0.14 4.13
N LEU A 461 12.90 -0.88 4.88
CA LEU A 461 13.39 -1.93 5.78
C LEU A 461 12.67 -3.25 5.50
N ASP A 462 13.40 -4.36 5.56
CA ASP A 462 12.76 -5.66 5.67
C ASP A 462 11.77 -5.56 6.82
N ASN A 463 10.60 -6.18 6.69
CA ASN A 463 9.59 -6.02 7.72
C ASN A 463 8.57 -7.15 7.75
N PHE A 464 7.53 -6.98 8.57
CA PHE A 464 6.45 -7.95 8.67
C PHE A 464 5.58 -7.87 7.41
N GLU A 465 5.77 -8.79 6.48
CA GLU A 465 4.94 -8.78 5.26
C GLU A 465 3.58 -9.48 5.50
N TRP A 466 2.81 -8.93 6.44
CA TRP A 466 1.45 -9.40 6.66
C TRP A 466 1.36 -10.92 6.78
N ALA A 467 0.42 -11.55 6.06
CA ALA A 467 0.22 -12.98 6.25
C ALA A 467 1.46 -13.84 5.92
N TRP A 468 2.39 -13.28 5.17
CA TRP A 468 3.63 -13.99 4.83
C TRP A 468 4.63 -13.98 5.99
N GLY A 469 4.42 -13.08 6.96
CA GLY A 469 5.34 -12.98 8.10
C GLY A 469 6.67 -12.36 7.70
N TYR A 470 7.73 -12.64 8.46
CA TYR A 470 9.03 -12.03 8.21
C TYR A 470 9.90 -12.67 7.14
N ALA A 471 9.50 -13.84 6.61
CA ALA A 471 10.37 -14.55 5.65
C ALA A 471 10.46 -13.83 4.31
N LYS A 472 9.44 -13.03 4.02
CA LYS A 472 9.43 -12.31 2.75
C LYS A 472 9.99 -10.90 2.93
N ARG A 473 11.25 -10.71 2.56
CA ARG A 473 11.93 -9.43 2.74
C ARG A 473 11.73 -8.51 1.54
N PHE A 474 11.38 -7.25 1.81
CA PHE A 474 11.20 -6.26 0.74
C PHE A 474 12.23 -5.14 0.82
N GLY A 475 13.02 -5.12 1.88
CA GLY A 475 13.84 -3.95 2.14
C GLY A 475 14.99 -3.72 1.17
N ILE A 476 15.36 -2.45 0.99
CA ILE A 476 16.67 -2.13 0.44
C ILE A 476 17.67 -2.11 1.61
N ILE A 477 17.13 -2.16 2.82
CA ILE A 477 17.95 -2.32 4.02
C ILE A 477 17.60 -3.61 4.72
N HIS A 478 18.61 -4.44 4.94
CA HIS A 478 18.42 -5.75 5.56
C HIS A 478 18.35 -5.62 7.07
N VAL A 479 17.47 -6.40 7.70
CA VAL A 479 17.46 -6.48 9.17
C VAL A 479 17.66 -7.91 9.67
N ASP A 480 18.74 -8.13 10.41
CA ASP A 480 18.94 -9.42 11.07
C ASP A 480 17.94 -9.49 12.22
N TYR A 481 17.02 -10.46 12.18
CA TYR A 481 15.94 -10.47 13.17
C TYR A 481 16.39 -10.94 14.55
N GLN A 482 17.64 -11.38 14.65
CA GLN A 482 18.21 -11.80 15.93
C GLN A 482 18.88 -10.64 16.66
N THR A 483 19.51 -9.75 15.90
CA THR A 483 20.24 -8.64 16.51
C THR A 483 19.66 -7.26 16.21
N GLN A 484 18.70 -7.21 15.28
CA GLN A 484 18.08 -5.94 14.81
C GLN A 484 19.04 -5.02 14.04
N VAL A 485 20.28 -5.48 13.86
CA VAL A 485 21.26 -4.75 13.07
C VAL A 485 20.77 -4.52 11.65
N ARG A 486 20.84 -3.27 11.17
CA ARG A 486 20.50 -2.98 9.78
C ARG A 486 21.74 -3.07 8.87
N THR A 487 21.55 -3.55 7.65
CA THR A 487 22.64 -3.60 6.68
C THR A 487 22.11 -3.16 5.32
N ILE A 488 22.66 -2.08 4.78
CA ILE A 488 22.20 -1.60 3.47
C ILE A 488 22.51 -2.65 2.40
N LYS A 489 21.48 -3.07 1.67
CA LYS A 489 21.66 -4.10 0.64
C LYS A 489 22.24 -3.44 -0.59
N ASN A 490 22.81 -4.24 -1.49
CA ASN A 490 23.37 -3.70 -2.73
C ASN A 490 22.34 -2.94 -3.57
N SER A 491 21.09 -3.41 -3.57
CA SER A 491 20.02 -2.68 -4.26
C SER A 491 19.86 -1.28 -3.65
N GLY A 492 19.99 -1.20 -2.32
CA GLY A 492 19.93 0.07 -1.62
C GLY A 492 21.07 1.00 -2.01
N LYS A 493 22.27 0.45 -2.16
CA LYS A 493 23.41 1.24 -2.62
C LYS A 493 23.24 1.70 -4.06
N ALA A 494 22.71 0.82 -4.90
CA ALA A 494 22.43 1.16 -6.29
C ALA A 494 21.38 2.27 -6.37
N TYR A 495 20.36 2.17 -5.51
CA TYR A 495 19.32 3.17 -5.45
C TYR A 495 19.90 4.52 -5.00
N ALA A 496 20.67 4.51 -3.91
CA ALA A 496 21.34 5.72 -3.44
C ALA A 496 22.22 6.33 -4.53
N GLY A 497 22.94 5.49 -5.26
CA GLY A 497 23.81 5.95 -6.33
C GLY A 497 23.04 6.62 -7.46
N LEU A 498 21.84 6.12 -7.73
CA LEU A 498 21.01 6.70 -8.76
C LEU A 498 20.54 8.08 -8.31
N ILE A 499 20.07 8.16 -7.06
CA ILE A 499 19.60 9.43 -6.51
C ILE A 499 20.73 10.45 -6.52
N ALA A 500 21.92 10.04 -6.08
CA ALA A 500 23.06 10.95 -5.94
C ALA A 500 23.42 11.57 -7.29
N ALA A 501 23.25 10.80 -8.36
CA ALA A 501 23.53 11.30 -9.71
C ALA A 501 22.46 12.30 -10.16
N ASN A 502 21.39 12.40 -9.37
CA ASN A 502 20.28 13.30 -9.70
C ASN A 502 20.02 14.32 -8.59
N ARG A 503 20.91 14.34 -7.59
CA ARG A 503 20.84 15.29 -6.46
C ARG A 503 22.17 15.98 -6.19
N THR A 504 22.12 17.29 -5.97
CA THR A 504 23.30 18.03 -5.55
C THR A 504 22.97 18.95 -4.36
C TRS B . 1.96 -4.54 -0.13
C1 TRS B . 1.03 -5.56 0.53
C2 TRS B . 1.91 -4.67 -1.65
C3 TRS B . 3.39 -4.77 0.37
N TRS B . 1.56 -3.19 0.27
O1 TRS B . 1.45 -6.87 0.22
O2 TRS B . 0.64 -4.32 -2.16
O3 TRS B . 3.35 -5.01 1.76
#